data_6SOU
#
_entry.id   6SOU
#
_cell.length_a   45.682
_cell.length_b   86.950
_cell.length_c   127.035
_cell.angle_alpha   90.000
_cell.angle_beta   90.000
_cell.angle_gamma   90.000
#
_symmetry.space_group_name_H-M   'P 21 21 21'
#
loop_
_entity.id
_entity.type
_entity.pdbx_description
1 polymer 'Mitogen-activated protein kinase 14'
2 non-polymer 'CHLORIDE ION'
3 non-polymer 'SULFATE ION'
4 non-polymer 2-(4-methylphenoxy)-1-(4-methylpiperazin-4-ium-1-yl)ethanone
5 water water
#
_entity_poly.entity_id   1
_entity_poly.type   'polypeptide(L)'
_entity_poly.pdbx_seq_one_letter_code
;MGSSHHHHHHSQDPENLYFQGMSQERPTFYRQELNKTIWEVPERYQNLSPVGSGAYGSVCAAFDTKTGHRVAVKKLSRPF
QSIIHAKRTYRELRLLKHMKHENVIGLLDVFTPARSLEEFNDVYLVTHLMGADLNNIVKCQKLTDDHVQFLIYQILRGLK
YIHSADIIHRDLKPSNLAVNEDCELKILDFGLARHTDDEMTGYVATRWYRAPEIMLNWMHYNQTVDIWSVGCIMAELLTG
RTLFPGTDHIDQLKLILRLVGTPGAELLKKISSESARNYIQSLAQMPKMNFANVFIGANPLAVDLLEKMLVLDSDKRITA
AQALAHAYFAQYHDPDDEPVADPYDQSFESRDLLIDEWKSLTYDEVISFVPPPLDQEEMES
;
_entity_poly.pdbx_strand_id   A
#
loop_
_chem_comp.id
_chem_comp.type
_chem_comp.name
_chem_comp.formula
CL non-polymer 'CHLORIDE ION' 'Cl -1'
LPZ non-polymer 2-(4-methylphenoxy)-1-(4-methylpiperazin-4-ium-1-yl)ethanone 'C14 H21 N2 O2 1'
SO4 non-polymer 'SULFATE ION' 'O4 S -2'
#
# COMPACT_ATOMS: atom_id res chain seq x y z
N ARG A 26 -13.02 5.29 -30.92
CA ARG A 26 -12.07 6.21 -30.30
C ARG A 26 -12.71 7.56 -30.02
N PRO A 27 -12.64 8.01 -28.77
CA PRO A 27 -13.17 9.34 -28.44
C PRO A 27 -12.35 10.45 -29.08
N THR A 28 -12.97 11.64 -29.13
CA THR A 28 -12.25 12.85 -29.50
C THR A 28 -11.47 13.39 -28.30
N PHE A 29 -10.23 13.78 -28.55
CA PHE A 29 -9.32 14.33 -27.55
C PHE A 29 -9.19 15.85 -27.73
N TYR A 30 -9.00 16.57 -26.61
CA TYR A 30 -8.66 17.99 -26.65
C TYR A 30 -7.41 18.25 -25.81
N ARG A 31 -6.70 19.32 -26.16
CA ARG A 31 -5.40 19.65 -25.57
C ARG A 31 -5.47 20.91 -24.72
N GLN A 32 -4.63 20.94 -23.69
CA GLN A 32 -4.46 22.14 -22.86
C GLN A 32 -3.13 22.03 -22.12
N GLU A 33 -2.61 23.19 -21.72
CA GLU A 33 -1.38 23.29 -20.95
C GLU A 33 -1.73 23.73 -19.53
N LEU A 34 -1.36 22.92 -18.54
CA LEU A 34 -1.59 23.23 -17.14
C LEU A 34 -0.29 23.05 -16.38
N ASN A 35 0.21 24.13 -15.79
CA ASN A 35 1.50 24.14 -15.08
C ASN A 35 2.61 23.55 -15.94
N LYS A 36 2.74 24.09 -17.15
CA LYS A 36 3.84 23.79 -18.07
C LYS A 36 3.83 22.34 -18.55
N THR A 37 2.69 21.67 -18.51
CA THR A 37 2.56 20.31 -19.03
C THR A 37 1.36 20.23 -19.95
N ILE A 38 1.54 19.55 -21.08
CA ILE A 38 0.47 19.39 -22.07
C ILE A 38 -0.39 18.19 -21.69
N TRP A 39 -1.70 18.40 -21.61
CA TRP A 39 -2.66 17.36 -21.28
C TRP A 39 -3.57 17.16 -22.49
N GLU A 40 -3.63 15.93 -23.00
CA GLU A 40 -4.50 15.60 -24.13
C GLU A 40 -5.40 14.45 -23.69
N VAL A 41 -6.69 14.73 -23.49
CA VAL A 41 -7.60 13.79 -22.82
C VAL A 41 -8.93 13.76 -23.55
N PRO A 42 -9.70 12.68 -23.36
CA PRO A 42 -11.04 12.61 -23.99
C PRO A 42 -11.98 13.70 -23.49
N GLU A 43 -12.89 14.12 -24.39
CA GLU A 43 -13.83 15.21 -24.08
C GLU A 43 -14.65 14.94 -22.82
N ARG A 44 -14.89 13.67 -22.49
CA ARG A 44 -15.69 13.34 -21.31
C ARG A 44 -15.11 13.95 -20.03
N TYR A 45 -13.80 14.18 -19.97
CA TYR A 45 -13.15 14.70 -18.76
C TYR A 45 -13.08 16.22 -18.86
N GLN A 46 -13.72 16.91 -17.91
CA GLN A 46 -13.85 18.36 -17.92
C GLN A 46 -13.32 18.98 -16.63
N ASN A 47 -13.03 20.29 -16.69
CA ASN A 47 -12.65 21.09 -15.51
C ASN A 47 -11.39 20.54 -14.84
N LEU A 48 -10.38 20.24 -15.64
CA LEU A 48 -9.13 19.72 -15.09
C LEU A 48 -8.44 20.79 -14.24
N SER A 49 -7.96 20.40 -13.06
CA SER A 49 -7.19 21.34 -12.23
C SER A 49 -6.07 20.61 -11.50
N PRO A 50 -4.86 21.14 -11.53
CA PRO A 50 -3.71 20.45 -10.91
C PRO A 50 -3.92 20.23 -9.43
N VAL A 51 -3.55 19.04 -8.97
CA VAL A 51 -3.56 18.72 -7.55
C VAL A 51 -2.21 18.25 -7.03
N GLY A 52 -1.26 17.94 -7.89
CA GLY A 52 0.07 17.59 -7.43
C GLY A 52 0.95 17.12 -8.57
N SER A 53 2.25 17.02 -8.26
CA SER A 53 3.21 16.55 -9.23
C SER A 53 4.41 15.99 -8.49
N GLY A 54 5.39 15.51 -9.26
CA GLY A 54 6.57 14.90 -8.71
C GLY A 54 7.35 14.19 -9.79
N ALA A 55 8.34 13.39 -9.35
CA ALA A 55 9.13 12.62 -10.30
C ALA A 55 8.30 11.58 -11.04
N TYR A 56 7.21 11.13 -10.41
CA TYR A 56 6.35 10.11 -11.02
C TYR A 56 5.56 10.65 -12.21
N GLY A 57 5.25 11.92 -12.22
CA GLY A 57 4.33 12.50 -13.18
C GLY A 57 3.55 13.63 -12.55
N SER A 58 2.32 13.85 -13.04
CA SER A 58 1.45 14.91 -12.55
C SER A 58 0.03 14.39 -12.45
N VAL A 59 -0.76 14.99 -11.55
CA VAL A 59 -2.13 14.57 -11.30
C VAL A 59 -3.06 15.78 -11.32
N CYS A 60 -4.23 15.59 -11.93
CA CYS A 60 -5.27 16.62 -12.01
C CYS A 60 -6.57 16.04 -11.48
N ALA A 61 -7.36 16.86 -10.78
CA ALA A 61 -8.75 16.50 -10.52
C ALA A 61 -9.60 16.88 -11.74
N ALA A 62 -10.68 16.15 -11.97
CA ALA A 62 -11.56 16.43 -13.09
C ALA A 62 -12.97 15.93 -12.79
N PHE A 63 -13.92 16.33 -13.65
CA PHE A 63 -15.28 15.82 -13.62
C PHE A 63 -15.47 14.91 -14.83
N ASP A 64 -15.87 13.66 -14.58
CA ASP A 64 -16.13 12.69 -15.65
C ASP A 64 -17.61 12.77 -16.03
N THR A 65 -17.91 13.35 -17.20
CA THR A 65 -19.30 13.52 -17.62
C THR A 65 -19.98 12.21 -17.98
N LYS A 66 -19.22 11.13 -18.20
CA LYS A 66 -19.87 9.86 -18.53
C LYS A 66 -20.41 9.17 -17.29
N THR A 67 -19.70 9.22 -16.17
CA THR A 67 -20.10 8.53 -14.95
C THR A 67 -20.68 9.44 -13.88
N GLY A 68 -20.48 10.75 -13.99
CA GLY A 68 -20.82 11.66 -12.91
C GLY A 68 -19.89 11.66 -11.72
N HIS A 69 -18.75 10.97 -11.80
CA HIS A 69 -17.80 10.96 -10.68
C HIS A 69 -16.80 12.09 -10.80
N ARG A 70 -16.37 12.62 -9.66
CA ARG A 70 -15.11 13.35 -9.58
C ARG A 70 -13.97 12.35 -9.62
N VAL A 71 -12.94 12.62 -10.43
CA VAL A 71 -11.88 11.66 -10.69
C VAL A 71 -10.51 12.30 -10.54
N ALA A 72 -9.50 11.45 -10.36
CA ALA A 72 -8.10 11.84 -10.44
C ALA A 72 -7.53 11.30 -11.75
N VAL A 73 -6.84 12.14 -12.50
CA VAL A 73 -6.19 11.75 -13.76
C VAL A 73 -4.69 11.95 -13.61
N LYS A 74 -3.93 10.87 -13.80
CA LYS A 74 -2.47 10.92 -13.69
C LYS A 74 -1.83 10.71 -15.04
N LYS A 75 -0.98 11.66 -15.45
CA LYS A 75 -0.16 11.52 -16.64
C LYS A 75 1.24 11.04 -16.23
N LEU A 76 1.63 9.85 -16.69
CA LEU A 76 2.95 9.35 -16.31
C LEU A 76 4.05 10.19 -16.95
N SER A 77 5.13 10.38 -16.23
N SER A 77 5.13 10.39 -16.22
CA SER A 77 6.29 11.10 -16.75
CA SER A 77 6.29 11.09 -16.74
C SER A 77 7.37 10.10 -17.12
C SER A 77 7.35 10.07 -17.13
N ARG A 78 7.91 10.23 -18.33
CA ARG A 78 8.96 9.37 -18.85
C ARG A 78 8.66 7.88 -18.65
N PRO A 79 7.49 7.40 -19.09
CA PRO A 79 7.11 6.01 -18.77
C PRO A 79 8.01 4.96 -19.40
N PHE A 80 8.70 5.24 -20.50
CA PHE A 80 9.51 4.25 -21.19
C PHE A 80 10.95 4.73 -21.36
N GLN A 81 11.47 5.47 -20.38
CA GLN A 81 12.80 6.06 -20.50
C GLN A 81 13.94 5.06 -20.37
N SER A 82 13.72 3.94 -19.67
CA SER A 82 14.73 2.89 -19.53
C SER A 82 14.00 1.56 -19.40
N ILE A 83 14.77 0.47 -19.35
CA ILE A 83 14.16 -0.83 -19.12
C ILE A 83 13.48 -0.87 -17.76
N ILE A 84 14.14 -0.33 -16.73
CA ILE A 84 13.55 -0.30 -15.39
C ILE A 84 12.26 0.51 -15.40
N HIS A 85 12.27 1.67 -16.06
CA HIS A 85 11.08 2.53 -16.10
C HIS A 85 9.95 1.87 -16.90
N ALA A 86 10.28 1.24 -18.03
CA ALA A 86 9.26 0.63 -18.87
C ALA A 86 8.60 -0.55 -18.16
N LYS A 87 9.41 -1.39 -17.48
CA LYS A 87 8.86 -2.51 -16.73
C LYS A 87 8.00 -2.03 -15.57
N ARG A 88 8.39 -0.92 -14.93
CA ARG A 88 7.62 -0.37 -13.82
C ARG A 88 6.26 0.16 -14.29
N THR A 89 6.23 0.78 -15.47
CA THR A 89 4.96 1.24 -16.03
C THR A 89 4.02 0.07 -16.28
N TYR A 90 4.55 -1.01 -16.89
CA TYR A 90 3.76 -2.22 -17.10
C TYR A 90 3.26 -2.81 -15.77
N ARG A 91 4.16 -2.89 -14.77
CA ARG A 91 3.77 -3.43 -13.45
C ARG A 91 2.62 -2.65 -12.82
N GLU A 92 2.70 -1.31 -12.83
CA GLU A 92 1.63 -0.50 -12.25
C GLU A 92 0.30 -0.74 -12.98
N LEU A 93 0.33 -0.80 -14.31
CA LEU A 93 -0.92 -0.97 -15.05
C LEU A 93 -1.51 -2.35 -14.82
N ARG A 94 -0.65 -3.39 -14.79
CA ARG A 94 -1.13 -4.74 -14.50
C ARG A 94 -1.80 -4.82 -13.12
N LEU A 95 -1.19 -4.22 -12.10
CA LEU A 95 -1.74 -4.29 -10.74
C LEU A 95 -3.06 -3.54 -10.65
N LEU A 96 -3.12 -2.32 -11.17
CA LEU A 96 -4.34 -1.53 -11.10
C LEU A 96 -5.49 -2.18 -11.89
N LYS A 97 -5.18 -2.82 -13.03
CA LYS A 97 -6.25 -3.46 -13.79
C LYS A 97 -6.82 -4.68 -13.06
N HIS A 98 -6.03 -5.30 -12.19
CA HIS A 98 -6.51 -6.50 -11.49
C HIS A 98 -7.43 -6.21 -10.31
N MET A 99 -7.26 -5.08 -9.60
N MET A 99 -7.25 -5.06 -9.64
CA MET A 99 -7.84 -4.91 -8.28
CA MET A 99 -7.91 -4.77 -8.35
C MET A 99 -9.31 -4.49 -8.38
C MET A 99 -9.39 -4.53 -8.54
N LYS A 100 -10.22 -5.41 -7.96
CA LYS A 100 -11.68 -5.21 -7.99
C LYS A 100 -12.26 -5.60 -6.63
N HIS A 101 -12.19 -4.66 -5.67
CA HIS A 101 -12.59 -4.89 -4.29
C HIS A 101 -12.94 -3.56 -3.63
N GLU A 102 -13.95 -3.58 -2.75
CA GLU A 102 -14.49 -2.36 -2.12
C GLU A 102 -13.45 -1.60 -1.30
N ASN A 103 -12.47 -2.30 -0.70
CA ASN A 103 -11.48 -1.64 0.14
C ASN A 103 -10.12 -1.49 -0.53
N VAL A 104 -10.06 -1.54 -1.87
CA VAL A 104 -8.83 -1.35 -2.63
C VAL A 104 -9.11 -0.39 -3.78
N ILE A 105 -8.14 0.49 -4.09
CA ILE A 105 -8.30 1.38 -5.24
C ILE A 105 -8.50 0.58 -6.50
N GLY A 106 -9.42 1.04 -7.36
CA GLY A 106 -9.66 0.40 -8.64
C GLY A 106 -9.42 1.35 -9.81
N LEU A 107 -9.29 0.81 -11.02
CA LEU A 107 -9.02 1.62 -12.22
C LEU A 107 -10.33 1.92 -12.94
N LEU A 108 -10.67 3.21 -13.06
CA LEU A 108 -11.86 3.62 -13.81
C LEU A 108 -11.60 3.69 -15.31
N ASP A 109 -10.41 4.11 -15.72
CA ASP A 109 -10.08 4.26 -17.14
C ASP A 109 -8.57 4.29 -17.31
N VAL A 110 -8.12 3.96 -18.53
CA VAL A 110 -6.73 4.18 -18.95
C VAL A 110 -6.77 4.53 -20.42
N PHE A 111 -5.98 5.53 -20.83
CA PHE A 111 -6.02 5.95 -22.22
C PHE A 111 -4.68 6.51 -22.68
N THR A 112 -4.52 6.56 -24.01
CA THR A 112 -3.44 7.24 -24.69
C THR A 112 -4.01 7.95 -25.92
N PRO A 113 -3.51 9.15 -26.24
CA PRO A 113 -3.96 9.79 -27.49
C PRO A 113 -3.37 9.16 -28.75
N ALA A 114 -2.39 8.26 -28.61
CA ALA A 114 -1.77 7.66 -29.78
C ALA A 114 -2.76 6.80 -30.54
N ARG A 115 -2.63 6.81 -31.88
CA ARG A 115 -3.48 6.01 -32.73
C ARG A 115 -2.85 4.69 -33.17
N SER A 116 -1.59 4.46 -32.81
CA SER A 116 -0.88 3.25 -33.20
C SER A 116 0.24 3.00 -32.21
N LEU A 117 0.75 1.76 -32.20
CA LEU A 117 1.92 1.45 -31.38
C LEU A 117 3.10 2.34 -31.76
N GLU A 118 3.22 2.69 -33.04
CA GLU A 118 4.40 3.41 -33.50
C GLU A 118 4.44 4.84 -32.97
N GLU A 119 3.29 5.46 -32.72
CA GLU A 119 3.27 6.81 -32.14
C GLU A 119 2.92 6.80 -30.66
N PHE A 120 2.94 5.64 -30.02
CA PHE A 120 2.63 5.49 -28.59
C PHE A 120 3.76 6.06 -27.74
N ASN A 121 3.42 7.03 -26.88
CA ASN A 121 4.39 7.64 -25.97
C ASN A 121 3.85 7.94 -24.58
N ASP A 122 2.57 8.30 -24.44
CA ASP A 122 2.04 8.79 -23.17
C ASP A 122 0.95 7.86 -22.64
N VAL A 123 0.89 7.73 -21.31
CA VAL A 123 -0.09 6.90 -20.62
C VAL A 123 -0.79 7.74 -19.55
N TYR A 124 -2.13 7.68 -19.52
CA TYR A 124 -2.93 8.36 -18.50
C TYR A 124 -3.79 7.34 -17.74
N LEU A 125 -3.81 7.45 -16.41
CA LEU A 125 -4.58 6.58 -15.52
C LEU A 125 -5.65 7.38 -14.81
N VAL A 126 -6.85 6.80 -14.65
CA VAL A 126 -7.99 7.47 -14.04
C VAL A 126 -8.55 6.64 -12.88
N THR A 127 -8.72 7.27 -11.71
CA THR A 127 -9.34 6.62 -10.55
C THR A 127 -10.38 7.58 -9.92
N HIS A 128 -11.18 7.05 -9.00
CA HIS A 128 -11.98 7.93 -8.14
C HIS A 128 -11.08 8.93 -7.43
N LEU A 129 -11.58 10.15 -7.27
CA LEU A 129 -10.82 11.18 -6.56
C LEU A 129 -10.99 10.94 -5.07
N MET A 130 -9.87 10.80 -4.37
CA MET A 130 -9.88 10.47 -2.95
C MET A 130 -9.75 11.75 -2.14
N GLY A 131 -10.48 11.82 -1.03
CA GLY A 131 -10.45 12.98 -0.18
C GLY A 131 -9.35 12.91 0.85
N ALA A 132 -9.72 12.59 2.08
CA ALA A 132 -8.74 12.56 3.15
C ALA A 132 -8.02 11.22 3.17
N ASP A 133 -6.84 11.22 3.77
CA ASP A 133 -6.17 9.98 4.15
C ASP A 133 -6.18 9.86 5.67
N LEU A 134 -5.71 8.70 6.14
CA LEU A 134 -5.73 8.45 7.58
C LEU A 134 -4.85 9.42 8.34
N ASN A 135 -3.80 9.96 7.69
CA ASN A 135 -2.94 10.93 8.36
C ASN A 135 -3.74 12.13 8.85
N ASN A 136 -4.71 12.59 8.05
CA ASN A 136 -5.50 13.74 8.42
C ASN A 136 -6.50 13.42 9.53
N ILE A 137 -7.16 12.26 9.42
CA ILE A 137 -8.11 11.86 10.46
C ILE A 137 -7.38 11.57 11.77
N VAL A 138 -6.24 10.91 11.70
CA VAL A 138 -5.49 10.51 12.90
C VAL A 138 -4.87 11.73 13.56
N LYS A 142 -10.92 12.64 17.07
CA LYS A 142 -10.96 11.74 18.21
C LYS A 142 -11.44 10.36 17.80
N LEU A 143 -10.52 9.39 17.78
CA LEU A 143 -10.82 8.05 17.30
C LEU A 143 -11.19 7.17 18.49
N THR A 144 -12.48 6.88 18.61
CA THR A 144 -12.98 5.97 19.62
C THR A 144 -12.66 4.52 19.22
N ASP A 145 -12.85 3.61 20.19
CA ASP A 145 -12.58 2.20 19.91
C ASP A 145 -13.47 1.65 18.80
N ASP A 146 -14.72 2.13 18.72
N ASP A 146 -14.72 2.11 18.69
CA ASP A 146 -15.62 1.71 17.65
CA ASP A 146 -15.55 1.60 17.60
C ASP A 146 -15.09 2.11 16.29
C ASP A 146 -15.07 2.09 16.25
N HIS A 147 -14.49 3.30 16.20
CA HIS A 147 -13.89 3.75 14.94
C HIS A 147 -12.70 2.87 14.56
N VAL A 148 -11.87 2.52 15.56
CA VAL A 148 -10.70 1.70 15.29
C VAL A 148 -11.11 0.31 14.79
N GLN A 149 -12.13 -0.29 15.42
CA GLN A 149 -12.63 -1.57 14.95
C GLN A 149 -12.98 -1.53 13.47
N PHE A 150 -13.74 -0.50 13.06
CA PHE A 150 -14.23 -0.44 11.68
C PHE A 150 -13.10 -0.16 10.70
N LEU A 151 -12.18 0.74 11.06
CA LEU A 151 -11.07 1.07 10.15
C LEU A 151 -10.13 -0.11 9.97
N ILE A 152 -9.72 -0.77 11.06
CA ILE A 152 -8.80 -1.90 10.91
C ILE A 152 -9.49 -3.09 10.24
N TYR A 153 -10.79 -3.30 10.50
CA TYR A 153 -11.54 -4.34 9.80
C TYR A 153 -11.44 -4.18 8.29
N GLN A 154 -11.61 -2.94 7.82
CA GLN A 154 -11.61 -2.71 6.38
C GLN A 154 -10.22 -2.91 5.79
N ILE A 155 -9.16 -2.50 6.50
CA ILE A 155 -7.80 -2.76 6.03
C ILE A 155 -7.58 -4.26 5.86
N LEU A 156 -7.95 -5.05 6.88
CA LEU A 156 -7.73 -6.49 6.83
C LEU A 156 -8.61 -7.17 5.78
N ARG A 157 -9.82 -6.65 5.54
CA ARG A 157 -10.65 -7.20 4.47
C ARG A 157 -9.99 -7.00 3.10
N GLY A 158 -9.47 -5.79 2.85
CA GLY A 158 -8.72 -5.54 1.63
C GLY A 158 -7.45 -6.37 1.53
N LEU A 159 -6.73 -6.54 2.65
CA LEU A 159 -5.49 -7.33 2.63
C LEU A 159 -5.75 -8.82 2.40
N LYS A 160 -6.84 -9.38 2.96
CA LYS A 160 -7.17 -10.76 2.62
C LYS A 160 -7.33 -10.92 1.11
N TYR A 161 -7.97 -9.96 0.45
CA TYR A 161 -8.13 -10.00 -1.01
C TYR A 161 -6.77 -9.90 -1.72
N ILE A 162 -5.96 -8.90 -1.37
CA ILE A 162 -4.65 -8.71 -2.02
C ILE A 162 -3.77 -9.94 -1.84
N HIS A 163 -3.66 -10.43 -0.60
CA HIS A 163 -2.79 -11.57 -0.32
C HIS A 163 -3.26 -12.86 -1.00
N SER A 164 -4.57 -13.01 -1.20
CA SER A 164 -5.08 -14.20 -1.89
C SER A 164 -4.64 -14.27 -3.35
N ALA A 165 -4.23 -13.15 -3.96
CA ALA A 165 -3.64 -13.12 -5.29
C ALA A 165 -2.12 -13.24 -5.27
N ASP A 166 -1.52 -13.50 -4.10
CA ASP A 166 -0.07 -13.51 -3.90
C ASP A 166 0.58 -12.17 -4.27
N ILE A 167 -0.13 -11.07 -3.95
CA ILE A 167 0.41 -9.72 -4.05
C ILE A 167 0.77 -9.24 -2.65
N ILE A 168 1.93 -8.60 -2.52
CA ILE A 168 2.38 -7.99 -1.27
C ILE A 168 2.32 -6.48 -1.47
N HIS A 169 1.73 -5.75 -0.52
CA HIS A 169 1.65 -4.30 -0.70
C HIS A 169 3.02 -3.64 -0.52
N ARG A 170 3.70 -3.93 0.60
CA ARG A 170 5.08 -3.59 0.96
C ARG A 170 5.22 -2.18 1.55
N ASP A 171 4.21 -1.31 1.49
CA ASP A 171 4.39 0.09 1.87
C ASP A 171 3.13 0.64 2.56
N LEU A 172 2.49 -0.17 3.40
CA LEU A 172 1.28 0.27 4.08
C LEU A 172 1.63 1.29 5.17
N LYS A 173 0.95 2.43 5.15
CA LYS A 173 1.14 3.49 6.14
C LYS A 173 -0.06 4.42 6.04
N PRO A 174 -0.27 5.29 7.04
CA PRO A 174 -1.50 6.09 7.03
C PRO A 174 -1.70 6.94 5.77
N SER A 175 -0.63 7.42 5.13
CA SER A 175 -0.83 8.28 3.96
C SER A 175 -1.29 7.48 2.75
N ASN A 176 -1.23 6.15 2.81
CA ASN A 176 -1.68 5.28 1.72
C ASN A 176 -3.05 4.66 2.01
N LEU A 177 -3.82 5.22 2.93
CA LEU A 177 -5.16 4.74 3.26
C LEU A 177 -6.14 5.90 3.13
N ALA A 178 -7.04 5.83 2.15
CA ALA A 178 -8.02 6.90 1.93
C ALA A 178 -9.30 6.60 2.70
N VAL A 179 -9.91 7.65 3.25
CA VAL A 179 -11.09 7.52 4.11
C VAL A 179 -12.08 8.63 3.76
N ASN A 180 -13.35 8.28 3.64
CA ASN A 180 -14.38 9.27 3.34
C ASN A 180 -15.12 9.69 4.61
N GLU A 181 -16.15 10.53 4.43
CA GLU A 181 -16.88 11.09 5.56
C GLU A 181 -17.61 10.02 6.37
N ASP A 182 -17.90 8.86 5.79
CA ASP A 182 -18.59 7.79 6.49
C ASP A 182 -17.64 6.72 7.01
N CYS A 183 -16.36 7.04 7.20
N CYS A 183 -16.36 7.05 7.18
CA CYS A 183 -15.36 6.13 7.75
CA CYS A 183 -15.32 6.16 7.71
C CYS A 183 -15.09 4.93 6.84
C CYS A 183 -15.09 4.94 6.84
N GLU A 184 -15.41 5.03 5.55
CA GLU A 184 -15.15 3.97 4.60
C GLU A 184 -13.75 4.12 4.02
N LEU A 185 -13.04 3.00 3.83
CA LEU A 185 -11.60 3.03 3.62
C LEU A 185 -11.20 2.27 2.36
N LYS A 186 -10.19 2.79 1.65
CA LYS A 186 -9.55 2.10 0.52
C LYS A 186 -8.02 2.13 0.65
N ILE A 187 -7.38 1.00 0.32
CA ILE A 187 -5.92 0.91 0.25
C ILE A 187 -5.44 1.40 -1.11
N LEU A 188 -4.41 2.25 -1.13
CA LEU A 188 -3.85 2.68 -2.41
C LEU A 188 -2.32 2.58 -2.40
N ASP A 189 -1.71 3.03 -3.52
CA ASP A 189 -0.26 3.31 -3.59
C ASP A 189 0.58 2.06 -3.28
N PHE A 190 0.28 0.99 -3.99
CA PHE A 190 1.01 -0.27 -3.89
C PHE A 190 2.52 -0.10 -4.06
N ARG A 194 10.51 2.21 -6.72
CA ARG A 194 11.06 1.85 -5.41
C ARG A 194 11.57 3.09 -4.68
N HIS A 195 11.50 3.03 -3.35
CA HIS A 195 11.99 4.13 -2.53
C HIS A 195 13.51 4.20 -2.55
N THR A 196 14.05 5.41 -2.68
CA THR A 196 15.50 5.54 -2.66
C THR A 196 16.05 5.20 -1.27
N ASP A 197 17.37 5.01 -1.20
CA ASP A 197 18.02 4.86 0.10
C ASP A 197 17.94 6.16 0.88
N ASP A 198 17.99 7.31 0.20
CA ASP A 198 17.87 8.59 0.89
C ASP A 198 16.48 8.79 1.47
N GLU A 199 15.42 8.32 0.79
CA GLU A 199 14.06 8.46 1.29
C GLU A 199 13.83 7.72 2.60
N MET A 200 14.60 6.66 2.87
CA MET A 200 14.43 5.84 4.06
C MET A 200 15.38 6.21 5.20
N THR A 201 16.11 7.31 5.07
CA THR A 201 17.14 7.70 6.03
C THR A 201 16.59 8.68 7.05
N GLY A 202 16.89 8.44 8.33
CA GLY A 202 16.63 9.43 9.37
C GLY A 202 15.26 9.34 10.03
N TYR A 203 14.76 10.48 10.50
CA TYR A 203 13.49 10.56 11.23
C TYR A 203 12.36 10.73 10.21
N VAL A 204 11.95 9.61 9.59
CA VAL A 204 11.03 9.67 8.44
C VAL A 204 9.91 8.63 8.55
N ALA A 205 8.68 9.07 8.30
CA ALA A 205 7.52 8.18 8.31
C ALA A 205 7.61 7.11 7.24
N THR A 206 8.44 7.30 6.21
CA THR A 206 8.58 6.29 5.17
C THR A 206 9.17 4.97 5.70
N ARG A 207 9.76 4.97 6.92
CA ARG A 207 10.36 3.77 7.49
C ARG A 207 9.66 3.27 8.76
N TRP A 208 8.84 4.13 9.41
CA TRP A 208 8.33 3.81 10.75
C TRP A 208 7.37 2.62 10.78
N TYR A 209 6.78 2.24 9.63
CA TYR A 209 5.78 1.17 9.56
C TYR A 209 6.36 -0.12 8.98
N ARG A 210 7.67 -0.18 8.73
CA ARG A 210 8.29 -1.34 8.09
C ARG A 210 8.68 -2.41 9.10
N ALA A 211 8.48 -3.67 8.70
CA ALA A 211 8.86 -4.79 9.56
C ALA A 211 10.37 -4.84 9.75
N PRO A 212 10.85 -5.27 10.93
CA PRO A 212 12.30 -5.25 11.17
C PRO A 212 13.10 -6.13 10.22
N GLU A 213 12.52 -7.22 9.71
CA GLU A 213 13.27 -8.13 8.83
C GLU A 213 13.49 -7.54 7.43
N ILE A 214 12.75 -6.51 7.03
CA ILE A 214 12.97 -5.92 5.72
C ILE A 214 13.70 -4.58 5.86
N MET A 215 13.56 -3.93 7.01
CA MET A 215 14.14 -2.61 7.20
C MET A 215 15.65 -2.62 7.00
N LEU A 216 16.33 -3.67 7.45
CA LEU A 216 17.76 -3.82 7.25
C LEU A 216 18.06 -4.92 6.24
N ASN A 217 17.05 -5.39 5.51
CA ASN A 217 17.21 -6.37 4.43
C ASN A 217 17.81 -7.68 4.96
N TRP A 218 17.38 -8.08 6.15
CA TRP A 218 17.76 -9.39 6.70
C TRP A 218 17.15 -10.52 5.90
N MET A 219 16.09 -10.25 5.17
CA MET A 219 15.17 -11.25 4.66
C MET A 219 14.50 -10.69 3.43
N HIS A 220 14.09 -11.58 2.54
CA HIS A 220 13.30 -11.15 1.39
C HIS A 220 11.85 -10.97 1.81
N TYR A 221 11.15 -10.08 1.09
CA TYR A 221 9.77 -9.78 1.41
C TYR A 221 8.90 -11.04 1.35
N ASN A 222 7.90 -11.06 2.21
CA ASN A 222 6.81 -12.03 2.17
C ASN A 222 5.60 -11.34 2.76
N GLN A 223 4.41 -11.92 2.58
CA GLN A 223 3.20 -11.15 2.85
C GLN A 223 3.01 -10.84 4.34
N THR A 224 3.74 -11.52 5.24
CA THR A 224 3.62 -11.19 6.67
C THR A 224 4.12 -9.79 7.00
N VAL A 225 4.94 -9.18 6.12
CA VAL A 225 5.41 -7.83 6.42
C VAL A 225 4.25 -6.84 6.46
N ASP A 226 3.19 -7.09 5.68
CA ASP A 226 2.05 -6.17 5.68
C ASP A 226 1.30 -6.22 7.01
N ILE A 227 1.28 -7.38 7.69
CA ILE A 227 0.57 -7.47 8.97
C ILE A 227 1.34 -6.69 10.04
N TRP A 228 2.67 -6.68 10.00
CA TRP A 228 3.44 -5.79 10.90
C TRP A 228 2.99 -4.35 10.74
N SER A 229 2.86 -3.88 9.49
CA SER A 229 2.43 -2.50 9.25
C SER A 229 1.04 -2.24 9.83
N VAL A 230 0.10 -3.18 9.68
CA VAL A 230 -1.24 -3.00 10.26
C VAL A 230 -1.17 -2.84 11.78
N GLY A 231 -0.32 -3.63 12.44
CA GLY A 231 -0.15 -3.46 13.88
C GLY A 231 0.34 -2.08 14.26
N CYS A 232 1.31 -1.54 13.50
CA CYS A 232 1.83 -0.20 13.77
C CYS A 232 0.74 0.86 13.57
N ILE A 233 -0.06 0.71 12.51
CA ILE A 233 -1.15 1.65 12.24
C ILE A 233 -2.22 1.58 13.33
N MET A 234 -2.62 0.36 13.72
CA MET A 234 -3.68 0.20 14.73
C MET A 234 -3.24 0.80 16.08
N ALA A 235 -1.99 0.58 16.49
CA ALA A 235 -1.49 1.19 17.73
C ALA A 235 -1.59 2.72 17.67
N GLU A 236 -1.18 3.32 16.56
CA GLU A 236 -1.22 4.77 16.40
C GLU A 236 -2.65 5.32 16.44
N LEU A 237 -3.62 4.59 15.88
CA LEU A 237 -5.01 5.04 15.99
C LEU A 237 -5.51 5.02 17.43
N LEU A 238 -5.04 4.04 18.22
CA LEU A 238 -5.48 3.94 19.62
C LEU A 238 -4.84 4.99 20.52
N THR A 239 -3.57 5.35 20.28
CA THR A 239 -2.84 6.25 21.17
C THR A 239 -2.71 7.67 20.64
N GLY A 240 -2.88 7.89 19.33
CA GLY A 240 -2.56 9.16 18.71
C GLY A 240 -1.09 9.43 18.48
N ARG A 241 -0.21 8.44 18.66
CA ARG A 241 1.24 8.61 18.60
C ARG A 241 1.85 7.50 17.74
N THR A 242 2.90 7.85 16.98
CA THR A 242 3.69 6.85 16.26
C THR A 242 4.20 5.77 17.22
N LEU A 243 4.09 4.48 16.81
CA LEU A 243 4.53 3.39 17.68
C LEU A 243 6.06 3.32 17.75
N PHE A 244 6.74 3.37 16.60
CA PHE A 244 8.20 3.24 16.54
C PHE A 244 8.84 4.39 15.76
N PRO A 245 8.79 5.64 16.29
CA PRO A 245 9.36 6.82 15.56
C PRO A 245 10.87 6.92 15.68
N GLY A 246 11.58 5.97 15.07
CA GLY A 246 13.03 5.95 15.17
C GLY A 246 13.69 7.10 14.42
N THR A 247 14.81 7.60 14.96
CA THR A 247 15.58 8.65 14.30
C THR A 247 16.51 8.12 13.22
N ASP A 248 16.69 6.80 13.13
CA ASP A 248 17.47 6.12 12.10
C ASP A 248 17.16 4.63 12.23
N HIS A 249 17.74 3.82 11.33
CA HIS A 249 17.43 2.38 11.32
C HIS A 249 17.75 1.72 12.66
N ILE A 250 18.89 2.07 13.27
CA ILE A 250 19.35 1.41 14.49
C ILE A 250 18.50 1.84 15.68
N ASP A 251 18.24 3.14 15.81
CA ASP A 251 17.34 3.61 16.86
C ASP A 251 15.97 2.93 16.75
N GLN A 252 15.45 2.80 15.53
CA GLN A 252 14.14 2.18 15.36
C GLN A 252 14.17 0.70 15.76
N LEU A 253 15.22 -0.04 15.39
CA LEU A 253 15.32 -1.42 15.83
C LEU A 253 15.32 -1.53 17.35
N LYS A 254 16.04 -0.62 18.04
CA LYS A 254 16.07 -0.66 19.50
C LYS A 254 14.70 -0.40 20.11
N LEU A 255 13.93 0.54 19.53
CA LEU A 255 12.55 0.76 19.99
C LEU A 255 11.70 -0.49 19.82
N ILE A 256 11.86 -1.17 18.68
CA ILE A 256 11.07 -2.39 18.40
C ILE A 256 11.41 -3.49 19.40
N LEU A 257 12.70 -3.75 19.60
CA LEU A 257 13.10 -4.87 20.46
C LEU A 257 12.79 -4.60 21.93
N ARG A 258 12.74 -3.33 22.35
CA ARG A 258 12.31 -3.03 23.71
C ARG A 258 10.86 -3.45 23.94
N LEU A 259 9.99 -3.28 22.93
CA LEU A 259 8.58 -3.67 23.10
C LEU A 259 8.37 -5.18 22.95
N VAL A 260 8.90 -5.79 21.88
CA VAL A 260 8.56 -7.18 21.56
C VAL A 260 9.61 -8.19 22.01
N GLY A 261 10.73 -7.72 22.57
CA GLY A 261 11.78 -8.58 23.06
C GLY A 261 12.86 -8.86 22.02
N THR A 262 14.05 -9.20 22.51
CA THR A 262 15.09 -9.68 21.60
C THR A 262 14.78 -11.11 21.14
N PRO A 263 15.34 -11.54 20.00
CA PRO A 263 15.02 -12.89 19.50
C PRO A 263 15.43 -13.99 20.46
N GLY A 264 14.54 -14.98 20.59
CA GLY A 264 14.82 -16.15 21.40
C GLY A 264 15.55 -17.23 20.62
N ALA A 265 15.84 -18.32 21.33
CA ALA A 265 16.57 -19.43 20.73
C ALA A 265 15.88 -19.93 19.47
N GLU A 266 14.56 -20.08 19.52
CA GLU A 266 13.81 -20.60 18.38
C GLU A 266 13.98 -19.73 17.14
N LEU A 267 13.81 -18.41 17.29
CA LEU A 267 13.92 -17.51 16.14
C LEU A 267 15.36 -17.35 15.67
N LEU A 268 16.31 -17.26 16.61
CA LEU A 268 17.70 -17.12 16.21
C LEU A 268 18.13 -18.28 15.32
N LYS A 269 17.70 -19.50 15.66
CA LYS A 269 17.99 -20.67 14.83
C LYS A 269 17.53 -20.48 13.39
N LYS A 270 16.47 -19.70 13.16
CA LYS A 270 15.89 -19.53 11.83
C LYS A 270 16.42 -18.34 11.05
N ILE A 271 17.24 -17.48 11.65
CA ILE A 271 17.65 -16.26 10.97
C ILE A 271 18.72 -16.60 9.94
N SER A 272 18.47 -16.21 8.68
CA SER A 272 19.33 -16.64 7.59
C SER A 272 20.51 -15.71 7.34
N SER A 273 20.39 -14.43 7.67
CA SER A 273 21.47 -13.48 7.37
C SER A 273 22.53 -13.53 8.47
N GLU A 274 23.80 -13.69 8.07
CA GLU A 274 24.87 -13.83 9.04
C GLU A 274 25.22 -12.50 9.71
N SER A 275 25.22 -11.41 8.94
CA SER A 275 25.53 -10.12 9.54
C SER A 275 24.40 -9.65 10.46
N ALA A 276 23.15 -10.04 10.18
CA ALA A 276 22.06 -9.80 11.12
C ALA A 276 22.30 -10.54 12.43
N ARG A 277 22.55 -11.84 12.35
CA ARG A 277 22.83 -12.66 13.53
C ARG A 277 23.90 -12.01 14.39
N ASN A 278 25.01 -11.62 13.78
CA ASN A 278 26.12 -11.13 14.56
C ASN A 278 25.79 -9.79 15.23
N TYR A 279 25.11 -8.89 14.53
CA TYR A 279 24.78 -7.62 15.18
C TYR A 279 23.74 -7.83 16.29
N ILE A 280 22.69 -8.61 16.04
CA ILE A 280 21.65 -8.77 17.07
C ILE A 280 22.21 -9.40 18.34
N GLN A 281 23.14 -10.36 18.18
CA GLN A 281 23.76 -10.98 19.35
C GLN A 281 24.63 -10.02 20.15
N SER A 282 24.96 -8.84 19.61
CA SER A 282 25.72 -7.86 20.37
C SER A 282 24.84 -7.08 21.35
N LEU A 283 23.52 -7.20 21.27
CA LEU A 283 22.61 -6.43 22.11
C LEU A 283 22.28 -7.22 23.39
N ALA A 284 22.17 -6.50 24.50
CA ALA A 284 21.72 -7.14 25.73
C ALA A 284 20.30 -7.68 25.54
N GLN A 285 20.04 -8.86 26.11
CA GLN A 285 18.73 -9.48 25.93
C GLN A 285 17.68 -8.75 26.76
N MET A 286 16.46 -8.70 26.22
CA MET A 286 15.31 -7.99 26.79
C MET A 286 14.05 -8.86 26.64
N PRO A 287 13.22 -8.92 27.67
CA PRO A 287 11.94 -9.62 27.54
C PRO A 287 10.86 -8.78 26.86
N LYS A 288 9.89 -9.46 26.25
CA LYS A 288 8.71 -8.78 25.71
C LYS A 288 7.97 -8.04 26.82
N MET A 289 7.53 -6.82 26.54
CA MET A 289 6.82 -6.03 27.54
C MET A 289 5.35 -6.45 27.67
N ASN A 290 4.73 -6.01 28.76
CA ASN A 290 3.29 -6.22 29.00
C ASN A 290 2.50 -5.17 28.22
N PHE A 291 1.77 -5.62 27.17
CA PHE A 291 1.07 -4.68 26.29
C PHE A 291 -0.10 -3.98 27.00
N ALA A 292 -0.67 -4.58 28.06
CA ALA A 292 -1.71 -3.89 28.81
C ALA A 292 -1.17 -2.70 29.59
N ASN A 293 0.12 -2.69 29.90
CA ASN A 293 0.74 -1.54 30.54
C ASN A 293 1.27 -0.53 29.52
N VAL A 294 1.38 -0.91 28.25
CA VAL A 294 1.77 0.03 27.19
C VAL A 294 0.55 0.78 26.66
N PHE A 295 -0.55 0.05 26.40
CA PHE A 295 -1.77 0.61 25.81
C PHE A 295 -2.84 0.76 26.90
N ILE A 296 -2.53 1.65 27.84
CA ILE A 296 -3.35 1.80 29.05
C ILE A 296 -4.77 2.21 28.67
N GLY A 297 -5.74 1.48 29.21
CA GLY A 297 -7.14 1.81 29.05
C GLY A 297 -7.77 1.26 27.79
N ALA A 298 -7.01 0.58 26.93
CA ALA A 298 -7.56 0.07 25.68
C ALA A 298 -8.39 -1.18 25.89
N ASN A 299 -9.30 -1.42 24.95
CA ASN A 299 -10.09 -2.65 24.88
C ASN A 299 -9.15 -3.86 25.03
N PRO A 300 -9.38 -4.75 25.99
CA PRO A 300 -8.54 -5.95 26.09
C PRO A 300 -8.49 -6.77 24.81
N LEU A 301 -9.55 -6.74 23.99
CA LEU A 301 -9.52 -7.46 22.73
C LEU A 301 -8.62 -6.78 21.71
N ALA A 302 -8.49 -5.46 21.78
CA ALA A 302 -7.53 -4.75 20.91
C ALA A 302 -6.10 -5.08 21.32
N VAL A 303 -5.84 -5.16 22.64
CA VAL A 303 -4.51 -5.52 23.12
C VAL A 303 -4.13 -6.92 22.65
N ASP A 304 -5.05 -7.87 22.77
CA ASP A 304 -4.78 -9.23 22.32
C ASP A 304 -4.41 -9.29 20.84
N LEU A 305 -5.18 -8.58 20.00
CA LEU A 305 -4.88 -8.59 18.56
C LEU A 305 -3.52 -7.95 18.26
N LEU A 306 -3.18 -6.86 18.95
CA LEU A 306 -1.85 -6.26 18.75
C LEU A 306 -0.74 -7.22 19.12
N GLU A 307 -0.91 -8.01 20.19
CA GLU A 307 0.10 -9.01 20.55
C GLU A 307 0.25 -10.08 19.47
N LYS A 308 -0.82 -10.35 18.71
CA LYS A 308 -0.76 -11.35 17.65
C LYS A 308 -0.23 -10.80 16.33
N MET A 309 -0.31 -9.49 16.09
N MET A 309 -0.31 -9.48 16.11
CA MET A 309 0.27 -8.91 14.89
CA MET A 309 0.21 -8.86 14.90
C MET A 309 1.76 -8.60 15.08
C MET A 309 1.67 -8.41 15.04
N LEU A 310 2.10 -8.04 16.24
CA LEU A 310 3.43 -7.48 16.47
C LEU A 310 4.37 -8.53 17.07
N VAL A 311 4.48 -9.65 16.39
CA VAL A 311 5.35 -10.75 16.79
C VAL A 311 6.64 -10.63 15.98
N LEU A 312 7.78 -10.73 16.66
CA LEU A 312 9.05 -10.59 15.96
C LEU A 312 9.25 -11.67 14.90
N ASP A 313 8.98 -12.95 15.25
CA ASP A 313 9.12 -14.06 14.30
C ASP A 313 7.95 -14.02 13.31
N SER A 314 8.25 -13.71 12.04
CA SER A 314 7.17 -13.46 11.08
C SER A 314 6.36 -14.72 10.78
N ASP A 315 6.99 -15.91 10.88
CA ASP A 315 6.26 -17.17 10.73
C ASP A 315 5.05 -17.27 11.67
N LYS A 316 5.12 -16.62 12.84
CA LYS A 316 4.14 -16.79 13.89
C LYS A 316 3.10 -15.67 13.95
N ARG A 317 3.21 -14.64 13.11
CA ARG A 317 2.23 -13.57 13.06
C ARG A 317 0.87 -14.07 12.56
N ILE A 318 -0.21 -13.45 13.07
CA ILE A 318 -1.54 -13.74 12.56
C ILE A 318 -1.65 -13.30 11.09
N THR A 319 -2.43 -14.06 10.30
CA THR A 319 -2.66 -13.68 8.90
C THR A 319 -3.92 -12.80 8.79
N ALA A 320 -4.11 -12.17 7.62
CA ALA A 320 -5.31 -11.35 7.44
C ALA A 320 -6.58 -12.17 7.58
N ALA A 321 -6.61 -13.36 6.97
CA ALA A 321 -7.81 -14.20 7.03
C ALA A 321 -8.09 -14.66 8.46
N GLN A 322 -7.03 -15.00 9.22
CA GLN A 322 -7.22 -15.35 10.64
C GLN A 322 -7.70 -14.15 11.46
N ALA A 323 -7.15 -12.95 11.20
CA ALA A 323 -7.49 -11.78 12.01
C ALA A 323 -8.94 -11.35 11.86
N LEU A 324 -9.52 -11.54 10.66
CA LEU A 324 -10.92 -11.16 10.45
C LEU A 324 -11.86 -11.93 11.37
N ALA A 325 -11.47 -13.13 11.79
CA ALA A 325 -12.27 -13.95 12.71
C ALA A 325 -11.96 -13.69 14.19
N HIS A 326 -11.05 -12.77 14.50
CA HIS A 326 -10.76 -12.42 15.89
C HIS A 326 -11.96 -11.69 16.52
N ALA A 327 -12.19 -11.94 17.82
CA ALA A 327 -13.37 -11.38 18.48
C ALA A 327 -13.43 -9.86 18.48
N TYR A 328 -12.29 -9.17 18.30
CA TYR A 328 -12.32 -7.71 18.23
C TYR A 328 -13.27 -7.20 17.13
N PHE A 329 -13.45 -7.97 16.04
CA PHE A 329 -14.29 -7.55 14.92
C PHE A 329 -15.67 -8.20 14.90
N ALA A 330 -16.17 -8.63 16.06
CA ALA A 330 -17.44 -9.36 16.11
C ALA A 330 -18.59 -8.58 15.47
N GLN A 331 -18.59 -7.26 15.61
CA GLN A 331 -19.69 -6.46 15.08
C GLN A 331 -19.71 -6.42 13.56
N TYR A 332 -18.56 -6.65 12.90
CA TYR A 332 -18.46 -6.47 11.46
C TYR A 332 -18.16 -7.73 10.65
N HIS A 333 -17.57 -8.76 11.26
CA HIS A 333 -17.15 -9.95 10.55
C HIS A 333 -18.34 -10.65 9.88
N ASP A 334 -18.20 -10.95 8.60
CA ASP A 334 -19.20 -11.68 7.83
C ASP A 334 -18.44 -12.58 6.86
N PRO A 335 -18.27 -13.86 7.19
CA PRO A 335 -17.44 -14.73 6.34
C PRO A 335 -18.02 -14.96 4.94
N ASP A 336 -19.27 -14.59 4.69
CA ASP A 336 -19.85 -14.66 3.35
C ASP A 336 -19.67 -13.37 2.55
N ASP A 337 -19.06 -12.34 3.14
CA ASP A 337 -18.86 -11.06 2.45
C ASP A 337 -17.43 -10.57 2.64
N GLU A 338 -16.46 -11.49 2.55
CA GLU A 338 -15.03 -11.19 2.65
C GLU A 338 -14.33 -11.90 1.50
N PRO A 339 -14.50 -11.40 0.28
CA PRO A 339 -14.15 -12.17 -0.91
C PRO A 339 -12.65 -12.28 -1.18
N VAL A 340 -12.29 -13.29 -1.95
CA VAL A 340 -10.92 -13.47 -2.43
C VAL A 340 -10.81 -12.99 -3.87
N ALA A 341 -9.57 -12.90 -4.35
CA ALA A 341 -9.27 -12.37 -5.67
C ALA A 341 -9.13 -13.48 -6.73
N ASP A 342 -9.36 -13.09 -7.98
CA ASP A 342 -8.96 -13.95 -9.10
C ASP A 342 -7.44 -14.10 -9.11
N PRO A 343 -6.91 -15.21 -9.65
CA PRO A 343 -5.46 -15.38 -9.73
C PRO A 343 -4.78 -14.29 -10.54
N TYR A 344 -3.56 -13.92 -10.11
CA TYR A 344 -2.74 -12.86 -10.73
C TYR A 344 -1.41 -13.45 -11.18
N ASP A 345 -1.20 -13.50 -12.50
CA ASP A 345 0.04 -14.04 -13.08
C ASP A 345 1.10 -12.95 -13.07
N GLN A 346 2.13 -13.09 -12.22
CA GLN A 346 3.26 -12.17 -12.29
C GLN A 346 4.55 -12.85 -12.74
N SER A 347 4.41 -13.84 -13.61
CA SER A 347 5.60 -14.41 -14.24
C SER A 347 6.43 -13.38 -14.99
N PHE A 348 5.85 -12.25 -15.41
CA PHE A 348 6.64 -11.21 -16.07
C PHE A 348 7.76 -10.66 -15.18
N GLU A 349 7.65 -10.80 -13.85
CA GLU A 349 8.63 -10.18 -12.96
C GLU A 349 10.02 -10.79 -13.12
N SER A 350 10.11 -12.06 -13.54
CA SER A 350 11.40 -12.69 -13.77
C SER A 350 11.79 -12.75 -15.24
N ARG A 351 11.08 -12.00 -16.09
CA ARG A 351 11.34 -11.99 -17.52
C ARG A 351 12.28 -10.85 -17.89
N ASP A 352 13.20 -11.11 -18.82
CA ASP A 352 14.13 -10.11 -19.32
C ASP A 352 13.69 -9.69 -20.72
N LEU A 353 13.30 -8.43 -20.87
CA LEU A 353 12.82 -7.91 -22.14
C LEU A 353 13.49 -6.59 -22.47
N LEU A 354 13.42 -6.21 -23.76
CA LEU A 354 13.91 -4.90 -24.22
C LEU A 354 12.85 -3.82 -23.96
N ILE A 355 13.28 -2.55 -24.01
CA ILE A 355 12.35 -1.44 -23.76
C ILE A 355 11.13 -1.54 -24.66
N ASP A 356 11.35 -1.74 -25.97
CA ASP A 356 10.22 -1.74 -26.89
C ASP A 356 9.30 -2.92 -26.68
N GLU A 357 9.80 -4.01 -26.10
CA GLU A 357 8.97 -5.17 -25.78
C GLU A 357 8.09 -4.89 -24.55
N TRP A 358 8.64 -4.23 -23.52
CA TRP A 358 7.81 -3.79 -22.40
C TRP A 358 6.78 -2.76 -22.84
N LYS A 359 7.17 -1.89 -23.79
CA LYS A 359 6.25 -0.88 -24.29
C LYS A 359 5.08 -1.51 -25.05
N SER A 360 5.37 -2.53 -25.87
CA SER A 360 4.30 -3.19 -26.63
C SER A 360 3.35 -3.95 -25.69
N LEU A 361 3.90 -4.60 -24.65
CA LEU A 361 3.04 -5.23 -23.66
C LEU A 361 2.13 -4.21 -22.98
N THR A 362 2.67 -3.04 -22.65
CA THR A 362 1.86 -1.99 -22.03
C THR A 362 0.76 -1.51 -22.98
N TYR A 363 1.11 -1.29 -24.25
CA TYR A 363 0.11 -0.86 -25.24
C TYR A 363 -1.04 -1.85 -25.32
N ASP A 364 -0.74 -3.15 -25.38
CA ASP A 364 -1.79 -4.18 -25.41
C ASP A 364 -2.73 -4.05 -24.21
N GLU A 365 -2.19 -3.77 -23.01
CA GLU A 365 -3.04 -3.68 -21.82
C GLU A 365 -3.87 -2.40 -21.82
N VAL A 366 -3.38 -1.31 -22.43
CA VAL A 366 -4.18 -0.10 -22.58
C VAL A 366 -5.38 -0.36 -23.49
N ILE A 367 -5.14 -0.92 -24.68
CA ILE A 367 -6.23 -1.03 -25.64
C ILE A 367 -7.23 -2.13 -25.27
N SER A 368 -6.86 -3.09 -24.42
CA SER A 368 -7.79 -4.14 -24.01
C SER A 368 -8.59 -3.79 -22.76
N PHE A 369 -8.39 -2.61 -22.19
CA PHE A 369 -9.09 -2.25 -20.96
C PHE A 369 -10.61 -2.26 -21.17
N VAL A 370 -11.32 -2.84 -20.21
CA VAL A 370 -12.78 -2.83 -20.19
C VAL A 370 -13.23 -2.12 -18.92
N PRO A 371 -14.03 -1.07 -19.01
CA PRO A 371 -14.39 -0.28 -17.83
C PRO A 371 -15.32 -1.06 -16.91
N PRO A 372 -15.41 -0.67 -15.64
CA PRO A 372 -16.37 -1.31 -14.76
C PRO A 372 -17.79 -0.97 -15.17
N PRO A 373 -18.76 -1.85 -14.87
CA PRO A 373 -20.17 -1.62 -15.16
C PRO A 373 -20.71 -0.30 -14.62
CL CL B . -15.18 11.62 -24.72
CL CL C . 1.07 9.19 -27.11
CL CL D . -12.05 2.65 -6.33
CL CL E . -3.32 -12.64 -14.42
S SO4 F . 4.35 11.17 17.67
O1 SO4 F . 3.56 10.91 16.47
O2 SO4 F . 4.26 10.03 18.59
O3 SO4 F . 5.74 11.41 17.35
O4 SO4 F . 3.79 12.37 18.32
N1 LPZ G . -10.97 5.93 28.34
C4 LPZ G . -12.73 -0.44 25.71
C5 LPZ G . -12.08 -0.53 26.96
C6 LPZ G . -12.41 -1.58 27.81
C7 LPZ G . -11.57 1.65 25.43
C8 LPZ G . -12.55 2.61 26.13
C10 LPZ G . -10.07 4.81 27.80
C13 LPZ G . -10.41 6.45 29.67
N LPZ G . -12.05 3.73 26.82
C LPZ G . -13.71 -3.66 28.35
O LPZ G . -12.37 0.62 24.90
C1 LPZ G . -13.37 -2.52 27.43
C11 LPZ G . -12.40 5.43 28.56
C12 LPZ G . -12.94 4.80 27.25
C2 LPZ G . -14.00 -2.42 26.18
C3 LPZ G . -13.69 -1.37 25.32
C9 LPZ G . -10.70 4.23 26.51
O1 LPZ G . -13.75 2.42 26.09
N1 LPZ H . 3.41 9.62 -4.11
C4 LPZ H . -1.90 6.97 -8.68
C5 LPZ H . -2.28 8.32 -8.57
C6 LPZ H . -3.34 8.78 -9.34
C7 LPZ H . -0.47 7.41 -6.83
C8 LPZ H . 0.81 8.16 -7.23
C10 LPZ H . 2.26 8.64 -3.84
C13 LPZ H . 4.60 9.24 -3.24
N LPZ H . 1.62 8.71 -6.19
C LPZ H . -5.13 8.39 -11.03
O LPZ H . -0.84 6.57 -7.89
C1 LPZ H . -4.00 7.90 -10.21
C11 LPZ H . 3.85 9.58 -5.59
C12 LPZ H . 2.60 9.74 -6.50
C2 LPZ H . -3.60 6.57 -10.30
C3 LPZ H . -2.54 6.10 -9.53
C9 LPZ H . 1.09 8.85 -4.84
O1 LPZ H . 1.14 8.29 -8.39
#